data_3JPV
#
_entry.id   3JPV
#
_cell.length_a   97.821
_cell.length_b   97.821
_cell.length_c   80.743
_cell.angle_alpha   90.000
_cell.angle_beta   90.000
_cell.angle_gamma   120.000
#
_symmetry.space_group_name_H-M   'P 65'
#
loop_
_entity.id
_entity.type
_entity.pdbx_description
1 polymer 'Proto-oncogene serine/threonine-protein kinase Pim-1'
2 polymer 'Peptide (PIMTIDE) ARKRRRHPSGPPTA'
3 non-polymer 1,10-dihydropyrrolo[2,3-a]carbazole-3-carbaldehyde
4 water water
#
loop_
_entity_poly.entity_id
_entity_poly.type
_entity_poly.pdbx_seq_one_letter_code
_entity_poly.pdbx_strand_id
1 'polypeptide(L)'
;SMLLSKINSLAHLRAAPCNDLHATKLAPGKEKEPLESQYQVGPLLGSGGFGSVYSGIRVSDNLPVAIKHVEKDRISDWGE
LPNGTRVPMEVVLLKKVSSGFSGVIRLLDWFERPDSFVLILERPEPVQDLFDFITERGALQEELARSFFWQVLEAVRHCH
NCGVLHRDIKDENILIDLNRGELKLIDFGSGALLKDTVYTDFDGTRVYSPPEWIRYHRYHGRSAAVWSLGILLYDMVCGD
IPFEHDEEIIGGQVFFRQRVSSECQHLIRWCLALRPSDRPTFEEIQNHPWMQDVLLPQETAEIHLHSLSPGPS
;
A
2 'polypeptide(L)' ARKRRRHPSGPPTA B
#
# COMPACT_ATOMS: atom_id res chain seq x y z
N PRO A 34 21.74 -0.15 -21.43
CA PRO A 34 21.97 -1.61 -21.38
C PRO A 34 21.39 -2.26 -20.10
N LEU A 35 20.24 -2.93 -20.20
CA LEU A 35 19.53 -3.48 -19.00
C LEU A 35 20.18 -4.74 -18.40
N GLU A 36 20.61 -5.66 -19.27
CA GLU A 36 21.06 -6.96 -18.78
C GLU A 36 22.53 -6.94 -18.25
N SER A 37 23.36 -6.03 -18.80
CA SER A 37 24.75 -5.79 -18.31
C SER A 37 24.80 -5.08 -16.94
N GLN A 38 23.73 -4.36 -16.57
CA GLN A 38 23.75 -3.51 -15.38
C GLN A 38 23.14 -4.16 -14.14
N TYR A 39 22.16 -5.05 -14.33
CA TYR A 39 21.54 -5.75 -13.21
C TYR A 39 21.73 -7.25 -13.27
N GLN A 40 21.96 -7.87 -12.12
CA GLN A 40 21.97 -9.31 -12.03
C GLN A 40 20.62 -9.83 -11.52
N VAL A 41 19.97 -10.67 -12.33
CA VAL A 41 18.61 -11.08 -12.06
C VAL A 41 18.66 -12.31 -11.20
N GLY A 42 17.97 -12.29 -10.07
CA GLY A 42 17.87 -13.47 -9.21
C GLY A 42 16.47 -14.07 -9.32
N PRO A 43 15.98 -14.69 -8.24
CA PRO A 43 14.72 -15.45 -8.30
C PRO A 43 13.48 -14.59 -8.36
N LEU A 44 12.42 -15.14 -8.91
CA LEU A 44 11.10 -14.49 -8.93
C LEU A 44 10.62 -14.29 -7.49
N LEU A 45 10.33 -13.05 -7.11
CA LEU A 45 9.73 -12.71 -5.80
C LEU A 45 8.19 -12.84 -5.82
N GLY A 46 7.56 -12.59 -6.96
CA GLY A 46 6.11 -12.77 -7.05
C GLY A 46 5.57 -12.37 -8.40
N SER A 47 4.30 -12.67 -8.63
CA SER A 47 3.68 -12.30 -9.89
C SER A 47 2.17 -12.26 -9.74
N GLY A 48 1.51 -11.53 -10.62
CA GLY A 48 0.05 -11.46 -10.56
C GLY A 48 -0.45 -10.30 -11.38
N GLY A 49 -1.59 -9.74 -10.97
CA GLY A 49 -2.20 -8.60 -11.67
C GLY A 49 -1.21 -7.52 -12.10
N PHE A 50 -0.24 -7.26 -11.23
CA PHE A 50 0.84 -6.28 -11.43
C PHE A 50 1.98 -6.74 -12.38
N GLY A 51 2.04 -8.01 -12.74
CA GLY A 51 3.10 -8.48 -13.63
C GLY A 51 4.01 -9.43 -12.86
N SER A 52 5.32 -9.33 -13.08
CA SER A 52 6.26 -10.30 -12.51
C SER A 52 7.40 -9.56 -11.88
N VAL A 53 7.70 -9.85 -10.62
CA VAL A 53 8.75 -9.12 -9.91
C VAL A 53 9.84 -10.11 -9.51
N TYR A 54 11.11 -9.73 -9.75
CA TYR A 54 12.28 -10.54 -9.51
C TYR A 54 13.22 -9.87 -8.53
N SER A 55 14.04 -10.67 -7.86
CA SER A 55 15.10 -10.14 -7.00
C SER A 55 16.26 -9.81 -7.88
N GLY A 56 17.05 -8.82 -7.49
CA GLY A 56 18.22 -8.42 -8.25
C GLY A 56 19.24 -7.67 -7.43
N ILE A 57 20.43 -7.52 -8.00
CA ILE A 57 21.52 -6.78 -7.37
C ILE A 57 22.07 -5.89 -8.47
N ARG A 58 22.34 -4.62 -8.15
CA ARG A 58 22.80 -3.67 -9.14
C ARG A 58 24.29 -3.88 -9.28
N VAL A 59 24.74 -4.21 -10.49
CA VAL A 59 26.09 -4.76 -10.68
C VAL A 59 27.15 -3.78 -10.18
N SER A 60 26.99 -2.49 -10.50
CA SER A 60 27.96 -1.46 -10.11
C SER A 60 28.33 -1.50 -8.64
N ASP A 61 27.33 -1.49 -7.76
CA ASP A 61 27.59 -1.32 -6.33
C ASP A 61 26.85 -2.32 -5.42
N ASN A 62 26.38 -3.44 -5.99
CA ASN A 62 25.63 -4.48 -5.26
C ASN A 62 24.35 -4.07 -4.55
N LEU A 63 23.80 -2.90 -4.83
CA LEU A 63 22.58 -2.48 -4.15
C LEU A 63 21.51 -3.51 -4.45
N PRO A 64 20.85 -4.05 -3.43
CA PRO A 64 19.70 -4.89 -3.72
C PRO A 64 18.56 -4.13 -4.42
N VAL A 65 17.98 -4.72 -5.46
CA VAL A 65 16.84 -4.16 -6.18
C VAL A 65 15.75 -5.21 -6.39
N ALA A 66 14.52 -4.73 -6.66
CA ALA A 66 13.46 -5.56 -7.26
C ALA A 66 13.22 -5.09 -8.70
N ILE A 67 13.04 -6.04 -9.60
CA ILE A 67 12.89 -5.77 -11.02
C ILE A 67 11.50 -6.21 -11.44
N LYS A 68 10.67 -5.25 -11.84
CA LYS A 68 9.27 -5.47 -12.11
C LYS A 68 8.97 -5.33 -13.60
N HIS A 69 8.31 -6.33 -14.15
CA HIS A 69 8.03 -6.37 -15.56
C HIS A 69 6.54 -6.27 -15.72
N VAL A 70 6.08 -5.34 -16.57
CA VAL A 70 4.68 -5.25 -16.88
C VAL A 70 4.55 -5.28 -18.42
N GLU A 71 3.61 -6.09 -18.91
CA GLU A 71 3.36 -6.21 -20.34
C GLU A 71 2.57 -5.00 -20.85
N LYS A 72 3.10 -4.38 -21.92
CA LYS A 72 2.46 -3.21 -22.52
C LYS A 72 0.99 -3.45 -22.82
N ASP A 73 0.63 -4.63 -23.31
CA ASP A 73 -0.80 -4.93 -23.62
C ASP A 73 -1.74 -4.83 -22.42
N ARG A 74 -1.19 -4.72 -21.21
CA ARG A 74 -1.98 -4.74 -19.97
C ARG A 74 -2.04 -3.38 -19.25
N ILE A 75 -1.27 -2.42 -19.73
CA ILE A 75 -1.29 -1.09 -19.15
C ILE A 75 -2.36 -0.35 -19.90
N SER A 76 -3.49 -0.06 -19.23
CA SER A 76 -4.56 0.73 -19.87
C SER A 76 -4.52 2.20 -19.46
N ASP A 77 -3.61 2.53 -18.54
CA ASP A 77 -3.39 3.90 -18.14
C ASP A 77 -1.99 4.39 -18.40
N TRP A 78 -1.89 5.41 -19.25
CA TRP A 78 -0.60 5.98 -19.67
C TRP A 78 -0.52 7.47 -19.37
N GLY A 79 0.71 7.96 -19.26
CA GLY A 79 1.01 9.38 -19.02
C GLY A 79 2.14 9.80 -19.93
N GLU A 80 2.57 11.05 -19.78
CA GLU A 80 3.71 11.59 -20.53
C GLU A 80 4.69 12.08 -19.47
N LEU A 81 5.97 11.68 -19.57
CA LEU A 81 7.04 12.28 -18.77
C LEU A 81 7.16 13.77 -19.19
N PRO A 82 7.69 14.61 -18.27
CA PRO A 82 8.23 15.90 -18.72
C PRO A 82 9.18 15.74 -19.94
N ASN A 83 10.01 14.68 -19.93
CA ASN A 83 10.93 14.36 -21.03
C ASN A 83 10.26 13.92 -22.36
N GLY A 84 9.16 14.55 -22.77
CA GLY A 84 8.38 14.11 -23.94
C GLY A 84 7.74 12.70 -23.90
N THR A 85 8.56 11.68 -23.58
CA THR A 85 8.26 10.26 -23.80
C THR A 85 6.98 9.79 -23.11
N ARG A 86 6.30 8.81 -23.71
CA ARG A 86 5.01 8.28 -23.23
C ARG A 86 5.20 7.00 -22.39
N VAL A 87 4.93 7.09 -21.09
CA VAL A 87 5.16 5.98 -20.15
C VAL A 87 3.85 5.54 -19.49
N PRO A 88 3.84 4.38 -18.83
CA PRO A 88 2.69 3.94 -18.03
C PRO A 88 2.48 4.83 -16.81
N MET A 89 1.23 5.09 -16.44
CA MET A 89 0.95 6.02 -15.34
C MET A 89 1.79 5.69 -14.10
N GLU A 90 2.01 4.41 -13.84
CA GLU A 90 2.73 3.97 -12.68
C GLU A 90 4.13 4.58 -12.54
N VAL A 91 4.81 4.71 -13.68
CA VAL A 91 6.12 5.39 -13.73
C VAL A 91 5.95 6.86 -13.34
N VAL A 92 4.92 7.52 -13.89
CA VAL A 92 4.62 8.90 -13.54
C VAL A 92 4.44 9.02 -12.03
N LEU A 93 3.55 8.19 -11.49
CA LEU A 93 3.24 8.21 -10.06
C LEU A 93 4.49 7.95 -9.21
N LEU A 94 5.31 6.96 -9.59
CA LEU A 94 6.48 6.63 -8.81
C LEU A 94 7.53 7.74 -8.83
N LYS A 95 7.70 8.44 -9.94
CA LYS A 95 8.66 9.57 -9.98
C LYS A 95 8.16 10.71 -9.15
N LYS A 96 6.83 10.86 -9.06
CA LYS A 96 6.28 11.95 -8.25
C LYS A 96 6.52 11.72 -6.76
N VAL A 97 6.42 10.46 -6.30
CA VAL A 97 6.64 10.16 -4.89
C VAL A 97 8.04 9.68 -4.54
N SER A 98 8.89 9.48 -5.55
CA SER A 98 10.21 8.89 -5.27
C SER A 98 11.30 9.88 -4.90
N SER A 99 11.03 11.18 -4.87
CA SER A 99 12.13 12.07 -4.48
C SER A 99 12.27 12.09 -2.96
N GLY A 100 13.52 12.10 -2.50
CA GLY A 100 13.85 12.01 -1.08
C GLY A 100 13.48 10.66 -0.46
N PHE A 101 13.48 10.63 0.88
CA PHE A 101 13.20 9.44 1.66
C PHE A 101 11.73 9.37 2.03
N SER A 102 11.23 8.16 2.21
CA SER A 102 9.93 8.01 2.80
C SER A 102 9.61 6.53 2.94
N GLY A 103 8.36 6.28 3.30
CA GLY A 103 7.79 4.97 3.32
C GLY A 103 7.21 4.56 2.01
N VAL A 104 7.81 4.96 0.91
CA VAL A 104 7.43 4.44 -0.40
C VAL A 104 8.64 3.74 -1.04
N ILE A 105 8.52 2.48 -1.50
CA ILE A 105 9.55 1.85 -2.33
C ILE A 105 9.84 2.79 -3.51
N ARG A 106 11.10 3.18 -3.67
CA ARG A 106 11.48 4.14 -4.69
C ARG A 106 11.79 3.53 -6.05
N LEU A 107 11.42 4.26 -7.11
CA LEU A 107 11.85 3.90 -8.47
C LEU A 107 13.23 4.44 -8.68
N LEU A 108 14.17 3.56 -8.99
CA LEU A 108 15.59 3.90 -9.16
C LEU A 108 15.87 4.13 -10.64
N ASP A 109 15.14 3.43 -11.51
CA ASP A 109 15.34 3.45 -12.96
C ASP A 109 14.21 2.68 -13.65
N TRP A 110 14.08 2.86 -14.96
CA TRP A 110 13.14 2.08 -15.76
C TRP A 110 13.65 1.94 -17.20
N PHE A 111 13.03 1.02 -17.96
CA PHE A 111 13.38 0.76 -19.37
C PHE A 111 12.16 0.35 -20.16
N GLU A 112 12.05 0.79 -21.40
CA GLU A 112 11.05 0.27 -22.31
C GLU A 112 11.67 -0.87 -23.07
N ARG A 113 10.97 -1.99 -23.17
CA ARG A 113 11.25 -3.04 -24.14
C ARG A 113 10.17 -3.11 -25.24
N PRO A 114 10.35 -3.99 -26.23
CA PRO A 114 9.36 -4.05 -27.28
C PRO A 114 7.95 -4.35 -26.80
N ASP A 115 7.78 -5.27 -25.85
CA ASP A 115 6.42 -5.59 -25.41
C ASP A 115 6.17 -5.37 -23.93
N SER A 116 7.11 -4.72 -23.24
CA SER A 116 6.97 -4.48 -21.81
C SER A 116 7.76 -3.28 -21.34
N PHE A 117 7.46 -2.85 -20.12
CA PHE A 117 8.30 -1.90 -19.37
C PHE A 117 8.93 -2.60 -18.20
N VAL A 118 10.15 -2.21 -17.85
CA VAL A 118 10.85 -2.85 -16.75
C VAL A 118 11.19 -1.79 -15.72
N LEU A 119 10.78 -2.02 -14.48
CA LEU A 119 10.94 -1.03 -13.41
C LEU A 119 11.93 -1.54 -12.39
N ILE A 120 12.97 -0.74 -12.14
CA ILE A 120 13.97 -1.03 -11.12
C ILE A 120 13.56 -0.31 -9.84
N LEU A 121 13.31 -1.10 -8.82
CA LEU A 121 12.82 -0.60 -7.55
C LEU A 121 13.79 -0.97 -6.45
N GLU A 122 13.72 -0.24 -5.34
CA GLU A 122 14.43 -0.63 -4.14
C GLU A 122 14.00 -1.98 -3.62
N ARG A 123 14.93 -2.65 -2.95
CA ARG A 123 14.62 -3.87 -2.20
C ARG A 123 15.30 -3.82 -0.83
N PRO A 124 14.49 -3.78 0.24
CA PRO A 124 14.93 -3.94 1.61
C PRO A 124 15.40 -5.36 1.83
N GLU A 125 16.31 -5.51 2.77
CA GLU A 125 16.89 -6.78 3.06
C GLU A 125 17.30 -6.73 4.55
N PRO A 126 16.71 -7.58 5.40
CA PRO A 126 15.69 -8.56 5.12
C PRO A 126 14.29 -7.97 5.17
N VAL A 127 13.37 -8.62 4.47
CA VAL A 127 12.06 -8.06 4.24
C VAL A 127 11.01 -9.18 4.36
N GLN A 128 9.81 -8.81 4.80
CA GLN A 128 8.61 -9.62 4.67
C GLN A 128 7.43 -8.68 4.45
N ASP A 129 6.43 -9.15 3.69
CA ASP A 129 5.30 -8.27 3.41
C ASP A 129 4.30 -8.41 4.57
N LEU A 130 3.41 -7.41 4.71
CA LEU A 130 2.61 -7.33 5.90
C LEU A 130 1.56 -8.42 5.89
N PHE A 131 1.12 -8.83 4.71
CA PHE A 131 0.23 -9.98 4.59
C PHE A 131 0.86 -11.26 5.16
N ASP A 132 2.07 -11.62 4.77
CA ASP A 132 2.68 -12.84 5.29
C ASP A 132 2.99 -12.69 6.78
N PHE A 133 3.31 -11.47 7.18
CA PHE A 133 3.69 -11.22 8.56
C PHE A 133 2.50 -11.52 9.46
N ILE A 134 1.32 -11.00 9.09
CA ILE A 134 0.07 -11.26 9.86
C ILE A 134 -0.39 -12.73 9.77
N THR A 135 -0.28 -13.36 8.62
CA THR A 135 -0.58 -14.79 8.53
C THR A 135 0.26 -15.58 9.52
N GLU A 136 1.56 -15.34 9.52
CA GLU A 136 2.50 -16.01 10.44
C GLU A 136 2.29 -15.65 11.91
N ARG A 137 2.05 -14.38 12.23
CA ARG A 137 2.03 -13.96 13.64
C ARG A 137 0.66 -13.80 14.27
N GLY A 138 -0.38 -13.81 13.45
CA GLY A 138 -1.74 -13.57 13.94
C GLY A 138 -2.00 -12.10 14.21
N ALA A 139 -3.09 -11.83 14.92
CA ALA A 139 -3.48 -10.48 15.29
C ALA A 139 -2.27 -9.86 15.98
N LEU A 140 -1.97 -8.62 15.65
CA LEU A 140 -0.81 -7.94 16.18
C LEU A 140 -1.17 -7.22 17.45
N GLN A 141 -0.23 -7.19 18.38
CA GLN A 141 -0.38 -6.34 19.57
C GLN A 141 -0.57 -4.87 19.20
N GLU A 142 -1.41 -4.18 19.97
CA GLU A 142 -1.77 -2.80 19.63
C GLU A 142 -0.59 -1.84 19.49
N GLU A 143 0.45 -2.07 20.26
CA GLU A 143 1.65 -1.25 20.22
C GLU A 143 2.32 -1.34 18.85
N LEU A 144 2.31 -2.56 18.32
CA LEU A 144 2.88 -2.85 17.03
C LEU A 144 1.96 -2.38 15.92
N ALA A 145 0.67 -2.66 16.03
CA ALA A 145 -0.31 -2.19 15.06
C ALA A 145 -0.23 -0.65 14.96
N ARG A 146 -0.01 0.02 16.10
CA ARG A 146 0.05 1.48 16.18
C ARG A 146 1.28 2.03 15.43
N SER A 147 2.45 1.40 15.63
CA SER A 147 3.67 1.80 14.93
C SER A 147 3.51 1.56 13.45
N PHE A 148 3.07 0.36 13.06
CA PHE A 148 2.85 0.08 11.64
C PHE A 148 1.85 1.06 10.98
N PHE A 149 0.70 1.23 11.61
CA PHE A 149 -0.37 2.03 11.04
C PHE A 149 0.04 3.48 10.92
N TRP A 150 0.76 3.97 11.92
CA TRP A 150 1.28 5.33 11.86
C TRP A 150 2.17 5.51 10.65
N GLN A 151 3.08 4.55 10.42
CA GLN A 151 4.02 4.66 9.30
C GLN A 151 3.31 4.61 7.96
N VAL A 152 2.25 3.83 7.88
CA VAL A 152 1.43 3.80 6.66
C VAL A 152 0.75 5.14 6.45
N LEU A 153 0.15 5.68 7.51
CA LEU A 153 -0.41 7.01 7.45
C LEU A 153 0.55 8.06 6.93
N GLU A 154 1.78 8.08 7.48
CA GLU A 154 2.80 9.02 6.99
C GLU A 154 3.12 8.86 5.49
N ALA A 155 3.17 7.61 5.05
CA ALA A 155 3.49 7.25 3.70
C ALA A 155 2.36 7.65 2.77
N VAL A 156 1.12 7.45 3.19
CA VAL A 156 -0.04 7.84 2.39
C VAL A 156 -0.17 9.37 2.34
N ARG A 157 0.07 10.06 3.46
CA ARG A 157 0.14 11.53 3.42
C ARG A 157 1.19 12.02 2.41
N HIS A 158 2.35 11.39 2.42
CA HIS A 158 3.39 11.68 1.41
C HIS A 158 2.87 11.54 0.02
N CYS A 159 2.22 10.44 -0.29
CA CYS A 159 1.72 10.28 -1.64
C CYS A 159 0.79 11.45 -1.99
N HIS A 160 -0.19 11.73 -1.13
CA HIS A 160 -1.14 12.82 -1.38
C HIS A 160 -0.45 14.21 -1.51
N ASN A 161 0.55 14.48 -0.66
CA ASN A 161 1.34 15.72 -0.78
C ASN A 161 1.96 15.84 -2.15
N CYS A 162 2.35 14.72 -2.75
CA CYS A 162 2.99 14.67 -4.05
C CYS A 162 1.98 14.55 -5.22
N GLY A 163 0.69 14.65 -4.92
CA GLY A 163 -0.35 14.57 -5.96
C GLY A 163 -0.70 13.17 -6.43
N VAL A 164 -0.34 12.18 -5.64
CA VAL A 164 -0.52 10.79 -6.02
C VAL A 164 -1.48 10.06 -5.08
N LEU A 165 -2.48 9.42 -5.68
CA LEU A 165 -3.44 8.54 -4.96
C LEU A 165 -3.09 7.07 -5.21
N HIS A 166 -2.81 6.31 -4.16
CA HIS A 166 -2.36 4.90 -4.41
C HIS A 166 -3.45 3.91 -4.88
N ARG A 167 -4.61 3.92 -4.23
CA ARG A 167 -5.79 3.17 -4.63
C ARG A 167 -5.74 1.65 -4.42
N ASP A 168 -4.69 1.15 -3.81
CA ASP A 168 -4.66 -0.25 -3.40
C ASP A 168 -3.93 -0.48 -2.06
N ILE A 169 -4.27 0.33 -1.05
CA ILE A 169 -3.65 0.21 0.26
C ILE A 169 -4.12 -1.14 0.83
N LYS A 170 -3.16 -2.02 1.12
CA LYS A 170 -3.49 -3.31 1.74
C LYS A 170 -2.24 -3.96 2.30
N ASP A 171 -2.42 -4.91 3.22
CA ASP A 171 -1.25 -5.55 3.82
C ASP A 171 -0.32 -6.11 2.75
N GLU A 172 -0.86 -6.65 1.67
CA GLU A 172 -0.02 -7.23 0.62
C GLU A 172 0.80 -6.19 -0.11
N ASN A 173 0.47 -4.90 0.05
CA ASN A 173 1.19 -3.82 -0.62
C ASN A 173 2.04 -3.02 0.34
N ILE A 174 2.39 -3.66 1.46
CA ILE A 174 3.25 -3.05 2.48
C ILE A 174 4.39 -4.01 2.77
N LEU A 175 5.63 -3.52 2.66
CA LEU A 175 6.78 -4.33 2.95
C LEU A 175 7.33 -3.85 4.23
N ILE A 176 7.81 -4.79 5.06
CA ILE A 176 8.42 -4.47 6.35
C ILE A 176 9.94 -4.74 6.23
N ASP A 177 10.74 -3.69 6.48
CA ASP A 177 12.19 -3.90 6.64
C ASP A 177 12.38 -4.40 8.06
N LEU A 178 12.73 -5.66 8.17
CA LEU A 178 12.72 -6.35 9.45
C LEU A 178 13.83 -5.90 10.41
N ASN A 179 14.87 -5.23 9.91
CA ASN A 179 15.97 -4.74 10.75
C ASN A 179 15.79 -3.28 11.16
N ARG A 180 15.38 -2.46 10.20
CA ARG A 180 15.12 -1.03 10.45
C ARG A 180 13.73 -0.77 11.07
N GLY A 181 12.80 -1.71 10.92
CA GLY A 181 11.49 -1.56 11.52
C GLY A 181 10.64 -0.57 10.72
N GLU A 182 10.99 -0.36 9.45
CA GLU A 182 10.36 0.63 8.55
C GLU A 182 9.40 -0.04 7.59
N LEU A 183 8.22 0.57 7.39
CA LEU A 183 7.22 0.05 6.45
C LEU A 183 7.34 0.81 5.11
N LYS A 184 7.19 0.11 3.99
CA LYS A 184 7.26 0.71 2.64
C LYS A 184 6.04 0.35 1.75
N LEU A 185 5.41 1.33 1.12
CA LEU A 185 4.32 1.07 0.20
C LEU A 185 4.79 0.57 -1.13
N ILE A 186 4.17 -0.48 -1.63
CA ILE A 186 4.45 -0.94 -2.99
C ILE A 186 3.23 -0.92 -3.87
N ASP A 187 3.51 -1.02 -5.16
CA ASP A 187 2.54 -1.23 -6.24
C ASP A 187 1.63 -0.05 -6.45
N PHE A 188 2.09 0.89 -7.27
CA PHE A 188 1.24 1.99 -7.69
C PHE A 188 0.51 1.71 -9.01
N GLY A 189 0.48 0.47 -9.46
CA GLY A 189 -0.15 0.17 -10.77
C GLY A 189 -1.64 0.37 -10.80
N SER A 190 -2.30 0.51 -9.67
CA SER A 190 -3.73 0.83 -9.67
C SER A 190 -3.93 2.32 -9.34
N GLY A 191 -2.83 3.06 -9.17
CA GLY A 191 -2.89 4.47 -8.72
C GLY A 191 -3.48 5.49 -9.71
N ALA A 192 -3.48 6.75 -9.33
CA ALA A 192 -3.97 7.82 -10.19
C ALA A 192 -3.44 9.13 -9.64
N LEU A 193 -3.38 10.16 -10.47
CA LEU A 193 -3.08 11.48 -9.99
C LEU A 193 -4.19 11.84 -8.97
N LEU A 194 -3.84 12.48 -7.85
CA LEU A 194 -4.88 12.91 -6.90
C LEU A 194 -5.71 14.07 -7.47
N LYS A 195 -7.03 13.95 -7.36
CA LYS A 195 -7.95 15.03 -7.71
C LYS A 195 -9.05 15.12 -6.66
N ASP A 196 -9.77 16.23 -6.73
CA ASP A 196 -10.82 16.57 -5.78
C ASP A 196 -12.24 16.26 -6.32
N THR A 197 -12.34 15.97 -7.61
CA THR A 197 -13.59 15.55 -8.21
C THR A 197 -13.73 14.04 -8.04
N VAL A 198 -14.83 13.49 -8.53
CA VAL A 198 -15.18 12.11 -8.26
C VAL A 198 -14.41 11.15 -9.17
N TYR A 199 -14.03 9.99 -8.63
CA TYR A 199 -13.51 8.88 -9.45
C TYR A 199 -14.64 7.92 -9.75
N THR A 200 -14.69 7.48 -11.01
CA THR A 200 -15.70 6.56 -11.51
C THR A 200 -15.09 5.28 -12.12
N ASP A 201 -13.77 5.11 -11.96
CA ASP A 201 -13.04 3.92 -12.40
C ASP A 201 -12.28 3.37 -11.15
N PHE A 202 -12.05 2.06 -11.08
CA PHE A 202 -11.27 1.47 -9.97
C PHE A 202 -10.84 0.04 -10.28
N ASP A 203 -9.54 -0.26 -10.14
CA ASP A 203 -8.98 -1.59 -10.39
C ASP A 203 -8.13 -2.09 -9.23
N GLY A 204 -8.35 -1.54 -8.05
CA GLY A 204 -7.67 -2.04 -6.86
C GLY A 204 -8.38 -3.25 -6.28
N THR A 205 -8.28 -3.43 -4.97
CA THR A 205 -8.73 -4.66 -4.34
C THR A 205 -10.11 -4.42 -3.76
N ARG A 206 -11.10 -5.14 -4.27
CA ARG A 206 -12.51 -4.96 -3.90
C ARG A 206 -12.84 -5.04 -2.40
N VAL A 207 -12.26 -6.01 -1.70
CA VAL A 207 -12.51 -6.14 -0.26
C VAL A 207 -11.92 -4.96 0.56
N TYR A 208 -11.10 -4.11 -0.06
CA TYR A 208 -10.64 -2.88 0.61
C TYR A 208 -11.33 -1.64 0.05
N SER A 209 -12.22 -1.85 -0.92
CA SER A 209 -12.90 -0.74 -1.60
C SER A 209 -14.10 -0.31 -0.74
N PRO A 210 -14.49 0.97 -0.81
CA PRO A 210 -15.51 1.46 0.10
C PRO A 210 -16.90 1.22 -0.41
N PRO A 211 -17.89 1.43 0.44
CA PRO A 211 -19.20 1.03 -0.02
C PRO A 211 -19.79 1.89 -1.13
N GLU A 212 -19.38 3.14 -1.25
CA GLU A 212 -19.90 4.01 -2.32
C GLU A 212 -19.40 3.50 -3.68
N TRP A 213 -18.24 2.83 -3.68
CA TRP A 213 -17.74 2.18 -4.88
C TRP A 213 -18.58 0.96 -5.20
N ILE A 214 -18.80 0.10 -4.20
CA ILE A 214 -19.66 -1.08 -4.34
C ILE A 214 -21.03 -0.68 -4.91
N ARG A 215 -21.73 0.30 -4.31
CA ARG A 215 -23.14 0.61 -4.72
C ARG A 215 -23.30 1.55 -5.88
N TYR A 216 -22.34 2.46 -6.08
CA TYR A 216 -22.52 3.53 -7.08
C TYR A 216 -21.43 3.68 -8.14
N HIS A 217 -20.36 2.92 -8.01
CA HIS A 217 -19.21 3.07 -8.90
C HIS A 217 -18.69 4.51 -8.86
N ARG A 218 -18.61 5.07 -7.64
CA ARG A 218 -18.17 6.43 -7.42
C ARG A 218 -17.49 6.56 -6.05
N TYR A 219 -16.42 7.34 -5.98
CA TYR A 219 -15.75 7.63 -4.71
C TYR A 219 -14.86 8.87 -4.84
N HIS A 220 -14.57 9.48 -3.71
CA HIS A 220 -13.61 10.56 -3.68
C HIS A 220 -12.34 9.99 -3.11
N GLY A 221 -11.19 10.49 -3.55
CA GLY A 221 -9.92 9.88 -3.20
C GLY A 221 -9.59 9.70 -1.74
N ARG A 222 -9.60 10.79 -0.98
CA ARG A 222 -9.13 10.73 0.39
C ARG A 222 -10.03 9.90 1.24
N SER A 223 -11.33 10.03 1.00
CA SER A 223 -12.29 9.35 1.85
C SER A 223 -12.28 7.87 1.53
N ALA A 224 -12.03 7.48 0.28
CA ALA A 224 -11.91 6.06 -0.05
C ALA A 224 -10.62 5.56 0.54
N ALA A 225 -9.57 6.39 0.52
CA ALA A 225 -8.30 6.00 1.13
C ALA A 225 -8.48 5.72 2.63
N VAL A 226 -9.21 6.59 3.33
CA VAL A 226 -9.46 6.35 4.76
C VAL A 226 -10.23 5.03 5.02
N TRP A 227 -11.23 4.73 4.19
CA TRP A 227 -11.94 3.46 4.36
C TRP A 227 -10.97 2.28 4.26
N SER A 228 -10.16 2.25 3.21
CA SER A 228 -9.18 1.14 3.07
C SER A 228 -8.16 1.07 4.22
N LEU A 229 -7.82 2.21 4.81
CA LEU A 229 -6.95 2.23 6.01
C LEU A 229 -7.71 1.65 7.19
N GLY A 230 -9.03 1.87 7.22
CA GLY A 230 -9.88 1.25 8.22
C GLY A 230 -9.81 -0.28 8.16
N ILE A 231 -9.86 -0.82 6.93
CA ILE A 231 -9.83 -2.24 6.71
C ILE A 231 -8.46 -2.77 7.13
N LEU A 232 -7.43 -2.00 6.78
CA LEU A 232 -6.05 -2.37 7.12
C LEU A 232 -5.81 -2.38 8.64
N LEU A 233 -6.39 -1.42 9.36
CA LEU A 233 -6.21 -1.37 10.81
C LEU A 233 -6.90 -2.56 11.50
N TYR A 234 -8.10 -2.90 11.07
CA TYR A 234 -8.84 -4.07 11.58
C TYR A 234 -8.03 -5.31 11.27
N ASP A 235 -7.56 -5.44 10.03
CA ASP A 235 -6.70 -6.57 9.59
C ASP A 235 -5.54 -6.80 10.58
N MET A 236 -4.85 -5.74 10.90
CA MET A 236 -3.73 -5.78 11.83
C MET A 236 -4.16 -6.22 13.22
N VAL A 237 -5.13 -5.55 13.83
CA VAL A 237 -5.47 -5.87 15.21
C VAL A 237 -6.31 -7.15 15.39
N CYS A 238 -6.91 -7.64 14.31
CA CYS A 238 -7.79 -8.85 14.40
C CYS A 238 -7.23 -10.06 13.69
N GLY A 239 -6.23 -9.88 12.83
CA GLY A 239 -5.59 -10.99 12.14
C GLY A 239 -6.14 -11.30 10.75
N ASP A 240 -7.25 -10.67 10.37
CA ASP A 240 -7.70 -10.72 8.99
C ASP A 240 -8.70 -9.58 8.70
N ILE A 241 -8.94 -9.31 7.43
CA ILE A 241 -9.88 -8.25 7.06
C ILE A 241 -11.29 -8.53 7.58
N PRO A 242 -12.09 -7.48 7.77
CA PRO A 242 -13.43 -7.70 8.30
C PRO A 242 -14.49 -8.19 7.32
N PHE A 243 -14.31 -7.98 6.02
CA PHE A 243 -15.39 -8.17 5.05
C PHE A 243 -14.83 -8.93 3.88
N GLU A 244 -15.62 -9.86 3.33
CA GLU A 244 -15.28 -10.61 2.13
C GLU A 244 -16.26 -10.33 0.99
N HIS A 245 -17.52 -10.08 1.33
CA HIS A 245 -18.60 -9.94 0.38
C HIS A 245 -19.21 -8.52 0.36
N ASP A 246 -19.78 -8.20 -0.79
CA ASP A 246 -20.27 -6.86 -1.06
C ASP A 246 -21.30 -6.43 -0.02
N GLU A 247 -22.15 -7.37 0.39
CA GLU A 247 -23.20 -7.10 1.37
C GLU A 247 -22.63 -6.73 2.71
N GLU A 248 -21.51 -7.36 3.09
CA GLU A 248 -20.83 -7.02 4.33
C GLU A 248 -20.25 -5.64 4.22
N ILE A 249 -19.64 -5.33 3.06
CA ILE A 249 -19.04 -3.98 2.82
C ILE A 249 -20.11 -2.88 2.97
N ILE A 250 -21.24 -3.04 2.31
CA ILE A 250 -22.27 -2.00 2.38
C ILE A 250 -23.08 -2.07 3.71
N GLY A 251 -22.97 -3.18 4.44
CA GLY A 251 -23.67 -3.33 5.71
C GLY A 251 -23.12 -2.40 6.78
N GLY A 252 -21.82 -2.10 6.70
CA GLY A 252 -21.16 -1.30 7.73
C GLY A 252 -21.60 -1.71 9.14
N GLN A 253 -21.27 -2.95 9.47
CA GLN A 253 -21.39 -3.52 10.81
C GLN A 253 -20.02 -4.13 11.04
N VAL A 254 -19.36 -3.71 12.10
CA VAL A 254 -18.01 -4.19 12.38
C VAL A 254 -18.07 -5.01 13.66
N PHE A 255 -17.93 -6.32 13.49
CA PHE A 255 -17.85 -7.23 14.59
C PHE A 255 -16.37 -7.49 14.83
N PHE A 256 -15.96 -7.40 16.10
CA PHE A 256 -14.59 -7.74 16.51
C PHE A 256 -14.44 -9.14 17.02
N ARG A 257 -13.57 -9.89 16.36
CA ARG A 257 -13.32 -11.32 16.61
C ARG A 257 -12.19 -11.52 17.65
N GLN A 258 -11.41 -10.45 17.91
CA GLN A 258 -10.35 -10.44 18.92
C GLN A 258 -10.59 -9.38 19.95
N ARG A 259 -9.97 -9.54 21.11
CA ARG A 259 -9.96 -8.50 22.05
C ARG A 259 -9.19 -7.32 21.48
N VAL A 260 -9.89 -6.19 21.30
CA VAL A 260 -9.35 -4.92 20.84
C VAL A 260 -9.85 -3.80 21.79
N SER A 261 -8.97 -2.86 22.14
CA SER A 261 -9.30 -1.80 23.08
C SER A 261 -10.43 -0.92 22.51
N SER A 262 -11.19 -0.32 23.41
CA SER A 262 -12.30 0.52 22.96
C SER A 262 -11.82 1.65 22.09
N GLU A 263 -10.64 2.20 22.37
CA GLU A 263 -10.17 3.37 21.63
C GLU A 263 -9.86 2.94 20.21
N CYS A 264 -9.24 1.78 20.08
CA CYS A 264 -8.90 1.25 18.76
C CYS A 264 -10.16 0.88 17.96
N GLN A 265 -11.11 0.16 18.58
CA GLN A 265 -12.39 -0.13 17.91
C GLN A 265 -13.06 1.18 17.38
N HIS A 266 -12.96 2.23 18.19
CA HIS A 266 -13.55 3.54 17.84
C HIS A 266 -12.90 4.12 16.59
N LEU A 267 -11.57 4.08 16.49
CA LEU A 267 -10.88 4.56 15.31
C LEU A 267 -11.28 3.75 14.07
N ILE A 268 -11.35 2.45 14.24
CA ILE A 268 -11.66 1.58 13.14
C ILE A 268 -13.06 1.92 12.65
N ARG A 269 -14.01 2.01 13.57
CA ARG A 269 -15.40 2.26 13.18
C ARG A 269 -15.59 3.63 12.49
N TRP A 270 -14.82 4.63 12.93
CA TRP A 270 -14.81 5.98 12.37
C TRP A 270 -14.29 5.94 10.92
N CYS A 271 -13.17 5.25 10.70
CA CYS A 271 -12.61 5.09 9.34
C CYS A 271 -13.58 4.35 8.44
N LEU A 272 -14.35 3.43 9.01
CA LEU A 272 -15.30 2.64 8.23
C LEU A 272 -16.74 3.17 8.33
N ALA A 273 -16.91 4.50 8.48
CA ALA A 273 -18.23 5.08 8.50
C ALA A 273 -18.83 4.91 7.12
N LEU A 274 -20.12 4.59 7.04
CA LEU A 274 -20.75 4.37 5.72
C LEU A 274 -20.79 5.63 4.82
N ARG A 275 -21.18 6.78 5.36
CA ARG A 275 -21.03 8.04 4.64
C ARG A 275 -19.60 8.50 4.62
N PRO A 276 -19.04 8.74 3.42
CA PRO A 276 -17.67 9.30 3.25
C PRO A 276 -17.34 10.53 4.12
N SER A 277 -18.24 11.50 4.13
CA SER A 277 -18.01 12.73 4.90
C SER A 277 -17.99 12.51 6.42
N ASP A 278 -18.49 11.39 6.91
CA ASP A 278 -18.39 11.06 8.33
C ASP A 278 -17.05 10.38 8.65
N ARG A 279 -16.23 10.06 7.65
CA ARG A 279 -14.89 9.51 7.92
C ARG A 279 -13.94 10.64 8.42
N PRO A 280 -12.90 10.26 9.19
CA PRO A 280 -11.89 11.20 9.66
C PRO A 280 -10.93 11.58 8.56
N THR A 281 -10.42 12.80 8.67
CA THR A 281 -9.31 13.24 7.86
C THR A 281 -8.07 12.56 8.41
N PHE A 282 -6.98 12.59 7.64
CA PHE A 282 -5.72 12.00 8.09
C PHE A 282 -5.28 12.65 9.37
N GLU A 283 -5.43 13.97 9.45
CA GLU A 283 -5.15 14.71 10.69
C GLU A 283 -5.93 14.16 11.85
N GLU A 284 -7.21 13.91 11.65
CA GLU A 284 -8.06 13.43 12.74
C GLU A 284 -7.66 12.00 13.20
N ILE A 285 -7.27 11.18 12.24
CA ILE A 285 -6.75 9.84 12.52
C ILE A 285 -5.49 9.98 13.36
N GLN A 286 -4.52 10.79 12.90
CA GLN A 286 -3.25 10.91 13.64
C GLN A 286 -3.34 11.61 14.98
N ASN A 287 -4.42 12.35 15.22
CA ASN A 287 -4.68 12.97 16.53
C ASN A 287 -5.60 12.13 17.42
N HIS A 288 -6.14 11.03 16.89
CA HIS A 288 -6.98 10.14 17.68
C HIS A 288 -6.22 9.65 18.90
N PRO A 289 -6.91 9.52 20.05
CA PRO A 289 -6.19 9.07 21.26
C PRO A 289 -5.46 7.74 21.10
N TRP A 290 -6.00 6.83 20.29
CA TRP A 290 -5.35 5.55 20.12
C TRP A 290 -3.99 5.66 19.44
N MET A 291 -3.78 6.75 18.73
CA MET A 291 -2.53 6.94 17.97
C MET A 291 -1.43 7.65 18.71
N GLN A 292 -1.67 7.98 19.99
CA GLN A 292 -0.64 8.67 20.80
C GLN A 292 0.51 7.73 21.23
N ASP A 293 1.68 8.32 21.47
CA ASP A 293 2.92 7.61 21.89
C ASP A 293 3.32 6.47 20.96
N VAL A 294 3.55 6.81 19.71
CA VAL A 294 3.91 5.80 18.75
C VAL A 294 5.38 5.43 18.96
N LEU A 295 5.75 4.17 18.71
CA LEU A 295 7.16 3.79 18.80
C LEU A 295 7.93 4.30 17.59
N LEU A 296 9.21 4.59 17.75
CA LEU A 296 10.09 4.87 16.63
C LEU A 296 10.31 3.56 15.86
N PRO A 297 10.68 3.64 14.57
CA PRO A 297 10.94 2.41 13.83
C PRO A 297 12.00 1.49 14.49
N GLN A 298 13.14 2.05 14.87
CA GLN A 298 14.17 1.32 15.62
C GLN A 298 13.62 0.56 16.82
N GLU A 299 12.82 1.24 17.64
CA GLU A 299 12.21 0.65 18.82
C GLU A 299 11.28 -0.52 18.43
N THR A 300 10.54 -0.33 17.35
CA THR A 300 9.60 -1.30 16.88
C THR A 300 10.36 -2.56 16.43
N ALA A 301 11.45 -2.39 15.69
CA ALA A 301 12.26 -3.53 15.24
C ALA A 301 12.82 -4.22 16.46
N GLU A 302 13.34 -3.45 17.42
CA GLU A 302 13.99 -4.02 18.60
C GLU A 302 13.04 -4.81 19.51
N ILE A 303 11.85 -4.28 19.75
CA ILE A 303 10.90 -4.86 20.68
C ILE A 303 10.16 -5.98 19.98
N HIS A 304 9.81 -5.78 18.70
CA HIS A 304 8.85 -6.66 18.06
C HIS A 304 9.38 -7.47 16.89
N LEU A 305 10.55 -7.16 16.35
CA LEU A 305 10.96 -7.78 15.09
C LEU A 305 12.25 -8.58 15.20
N HIS A 306 13.25 -8.11 15.97
CA HIS A 306 14.42 -8.90 16.32
C HIS A 306 13.95 -9.83 17.45
N LYS B 3 -9.40 -19.98 5.55
CA LYS B 3 -10.28 -18.80 5.40
C LYS B 3 -9.46 -17.54 5.13
N ARG B 4 -8.31 -17.31 5.76
CA ARG B 4 -7.50 -16.10 5.36
C ARG B 4 -6.83 -16.24 4.01
N ARG B 5 -6.95 -15.24 3.15
CA ARG B 5 -6.36 -15.33 1.82
C ARG B 5 -6.00 -13.97 1.18
N ARG B 6 -5.09 -14.02 0.20
CA ARG B 6 -4.79 -12.89 -0.63
C ARG B 6 -5.99 -12.57 -1.49
N HIS B 7 -6.14 -11.31 -1.92
CA HIS B 7 -7.19 -10.92 -2.88
C HIS B 7 -6.56 -10.11 -4.02
N PRO B 8 -6.62 -10.65 -5.25
CA PRO B 8 -5.99 -9.93 -6.35
C PRO B 8 -6.71 -8.59 -6.65
N SER B 9 -6.03 -7.71 -7.36
CA SER B 9 -6.62 -6.55 -7.96
C SER B 9 -7.52 -6.89 -9.17
#